data_6X6D
#
_entry.id   6X6D
#
_cell.length_a   130.426
_cell.length_b   39.000
_cell.length_c   96.791
_cell.angle_alpha   90.000
_cell.angle_beta   118.710
_cell.angle_gamma   90.000
#
_symmetry.space_group_name_H-M   'C 1 2 1'
#
loop_
_entity.id
_entity.type
_entity.pdbx_description
1 polymer 'Glucocorticoid receptor'
2 polymer "DNA (5'-D(*CP*CP*AP*GP*AP*AP*CP*GP*GP*AP*GP*CP*GP*TP*TP*CP*TP*G)-3')"
3 polymer "DNA (5'-D(*TP*CP*AP*GP*AP*AP*CP*GP*CP*TP*CP*CP*GP*TP*TP*CP*TP*G)-3')"
4 non-polymer 'ZINC ION'
5 non-polymer 'CACODYLATE ION'
6 water water
#
loop_
_entity_poly.entity_id
_entity_poly.type
_entity_poly.pdbx_seq_one_letter_code
_entity_poly.pdbx_strand_id
1 'polypeptide(L)' PPKLCLVCSDEASGCHYGVLTCGSCKVFFKRAVEGQHNYLCAGRNDCIIDKIRRKNCPACRYRKCLQAGMNLEA A,B
2 'polydeoxyribonucleotide' (DC)(DC)(DA)(DG)(DA)(DA)(DC)(DG)(DG)(DA)(DG)(DC)(DG)(DT)(DT)(DC)(DT)(DG) C
3 'polydeoxyribonucleotide' (DT)(DC)(DA)(DG)(DA)(DA)(DC)(DG)(DC)(DT)(DC)(DC)(DG)(DT)(DT)(DC)(DT)(DG) D
#
loop_
_chem_comp.id
_chem_comp.type
_chem_comp.name
_chem_comp.formula
CAC non-polymer 'CACODYLATE ION' 'C2 H6 As O2 -1'
DA DNA linking 2'-DEOXYADENOSINE-5'-MONOPHOSPHATE 'C10 H14 N5 O6 P'
DC DNA linking 2'-DEOXYCYTIDINE-5'-MONOPHOSPHATE 'C9 H14 N3 O7 P'
DG DNA linking 2'-DEOXYGUANOSINE-5'-MONOPHOSPHATE 'C10 H14 N5 O7 P'
DT DNA linking THYMIDINE-5'-MONOPHOSPHATE 'C10 H15 N2 O8 P'
ZN non-polymer 'ZINC ION' 'Zn 2'
#
# COMPACT_ATOMS: atom_id res chain seq x y z
N PRO A 1 -13.04 -28.25 6.67
CA PRO A 1 -11.86 -27.57 7.20
C PRO A 1 -11.19 -26.65 6.18
N PRO A 2 -11.72 -25.42 6.02
CA PRO A 2 -11.20 -24.50 4.99
C PRO A 2 -9.70 -24.54 4.80
N LYS A 3 -9.27 -24.71 3.56
CA LYS A 3 -7.87 -24.53 3.19
C LYS A 3 -7.59 -23.05 3.02
N LEU A 4 -6.37 -22.63 3.40
CA LEU A 4 -6.04 -21.22 3.48
C LEU A 4 -4.93 -20.86 2.51
N CYS A 5 -5.09 -19.70 1.86
CA CYS A 5 -4.05 -19.13 1.03
C CYS A 5 -2.75 -19.00 1.79
N LEU A 6 -1.68 -19.56 1.23
CA LEU A 6 -0.38 -19.49 1.87
C LEU A 6 0.26 -18.10 1.76
N VAL A 7 -0.26 -17.24 0.89
CA VAL A 7 0.21 -15.87 0.83
C VAL A 7 -0.49 -15.00 1.87
N CYS A 8 -1.82 -14.92 1.77
CA CYS A 8 -2.57 -13.92 2.53
C CYS A 8 -3.49 -14.50 3.60
N SER A 9 -3.75 -15.81 3.59
CA SER A 9 -4.55 -16.53 4.59
C SER A 9 -6.04 -16.37 4.36
N ASP A 10 -6.48 -15.60 3.37
CA ASP A 10 -7.85 -15.73 2.86
C ASP A 10 -8.10 -17.20 2.54
N GLU A 11 -9.35 -17.59 2.32
CA GLU A 11 -9.61 -18.98 1.97
C GLU A 11 -9.05 -19.28 0.59
N ALA A 12 -8.36 -20.41 0.46
CA ALA A 12 -7.76 -20.80 -0.80
C ALA A 12 -8.82 -21.40 -1.72
N SER A 13 -8.71 -21.09 -3.01
CA SER A 13 -9.64 -21.61 -4.00
C SER A 13 -9.07 -22.76 -4.80
N GLY A 14 -7.81 -23.12 -4.58
CA GLY A 14 -7.18 -24.16 -5.34
C GLY A 14 -5.67 -23.98 -5.33
N CYS A 15 -5.00 -24.78 -6.15
CA CYS A 15 -3.55 -24.76 -6.29
C CYS A 15 -3.22 -23.98 -7.56
N HIS A 16 -2.57 -22.83 -7.40
CA HIS A 16 -2.32 -21.90 -8.49
C HIS A 16 -0.84 -21.61 -8.55
N TYR A 17 -0.28 -21.71 -9.75
CA TYR A 17 1.15 -21.50 -9.95
C TYR A 17 1.95 -22.30 -8.92
N GLY A 18 1.42 -23.46 -8.55
CA GLY A 18 2.12 -24.44 -7.76
C GLY A 18 1.86 -24.39 -6.27
N VAL A 19 0.97 -23.52 -5.82
CA VAL A 19 0.83 -23.22 -4.40
C VAL A 19 -0.64 -23.02 -4.07
N LEU A 20 -1.02 -23.46 -2.87
CA LEU A 20 -2.35 -23.24 -2.34
C LEU A 20 -2.58 -21.74 -2.13
N THR A 21 -3.44 -21.12 -2.93
CA THR A 21 -3.67 -19.68 -2.85
C THR A 21 -5.14 -19.37 -3.09
N CYS A 22 -5.52 -18.15 -2.70
CA CYS A 22 -6.79 -17.57 -3.07
C CYS A 22 -6.73 -17.06 -4.50
N GLY A 23 -7.89 -16.61 -5.00
CA GLY A 23 -7.94 -16.11 -6.37
C GLY A 23 -7.23 -14.78 -6.55
N SER A 24 -7.37 -13.88 -5.58
CA SER A 24 -6.73 -12.57 -5.72
C SER A 24 -5.20 -12.70 -5.77
N CYS A 25 -4.64 -13.63 -5.01
CA CYS A 25 -3.19 -13.82 -5.06
C CYS A 25 -2.75 -14.55 -6.32
N LYS A 26 -3.56 -15.52 -6.78
CA LYS A 26 -3.31 -16.12 -8.08
C LYS A 26 -3.10 -15.03 -9.13
N VAL A 27 -4.00 -14.06 -9.16
CA VAL A 27 -4.00 -13.08 -10.24
C VAL A 27 -3.13 -11.86 -9.93
N PHE A 28 -2.88 -11.57 -8.66
CA PHE A 28 -1.80 -10.63 -8.34
C PHE A 28 -0.47 -11.15 -8.87
N PHE A 29 -0.15 -12.41 -8.57
CA PHE A 29 1.14 -12.96 -8.96
C PHE A 29 1.30 -12.98 -10.48
N LYS A 30 0.27 -13.44 -11.19
CA LYS A 30 0.32 -13.39 -12.64
C LYS A 30 0.63 -11.98 -13.13
N ARG A 31 -0.01 -10.98 -12.53
CA ARG A 31 0.25 -9.60 -12.90
C ARG A 31 1.69 -9.18 -12.59
N ALA A 32 2.19 -9.58 -11.42
CA ALA A 32 3.50 -9.12 -11.00
C ALA A 32 4.61 -9.71 -11.88
N VAL A 33 4.50 -11.00 -12.21
CA VAL A 33 5.60 -11.63 -12.96
C VAL A 33 5.59 -11.20 -14.42
N GLU A 34 4.43 -10.84 -14.96
CA GLU A 34 4.38 -10.36 -16.34
C GLU A 34 4.74 -8.89 -16.43
N GLY A 35 4.37 -8.08 -15.44
CA GLY A 35 4.73 -6.68 -15.40
C GLY A 35 6.18 -6.50 -15.00
N GLN A 36 6.56 -5.23 -14.82
CA GLN A 36 7.88 -4.89 -14.29
C GLN A 36 7.71 -4.66 -12.79
N HIS A 37 7.87 -5.74 -12.02
CA HIS A 37 7.59 -5.72 -10.59
C HIS A 37 8.60 -4.86 -9.82
N ASN A 38 8.68 -3.58 -10.16
CA ASN A 38 9.59 -2.65 -9.48
C ASN A 38 8.88 -2.04 -8.26
N TYR A 39 8.52 -2.92 -7.33
CA TYR A 39 7.75 -2.54 -6.15
C TYR A 39 8.68 -2.09 -5.02
N LEU A 40 8.21 -1.12 -4.25
CA LEU A 40 8.93 -0.63 -3.07
C LEU A 40 8.07 -0.81 -1.83
N CYS A 41 8.68 -1.32 -0.77
CA CYS A 41 8.05 -1.32 0.54
C CYS A 41 8.30 0.01 1.24
N ALA A 42 7.24 0.57 1.81
CA ALA A 42 7.33 1.78 2.60
C ALA A 42 7.68 1.51 4.06
N GLY A 43 7.84 0.24 4.44
CA GLY A 43 8.17 -0.13 5.80
C GLY A 43 9.54 -0.78 5.92
N ARG A 44 9.57 -2.00 6.44
CA ARG A 44 10.81 -2.74 6.64
C ARG A 44 10.78 -4.10 5.94
N ASN A 45 10.07 -4.20 4.82
CA ASN A 45 10.02 -5.43 4.02
C ASN A 45 9.47 -6.60 4.83
N ASP A 46 8.63 -6.30 5.82
CA ASP A 46 7.99 -7.34 6.63
C ASP A 46 6.56 -6.95 6.91
N CYS A 47 5.90 -6.38 5.91
CA CYS A 47 4.53 -5.94 6.08
C CYS A 47 3.60 -7.14 6.29
N ILE A 48 2.55 -6.92 7.06
CA ILE A 48 1.56 -7.95 7.33
C ILE A 48 0.68 -8.07 6.09
N ILE A 49 0.69 -9.24 5.46
CA ILE A 49 -0.15 -9.52 4.31
C ILE A 49 -1.30 -10.39 4.79
N ASP A 50 -2.48 -9.81 4.85
CA ASP A 50 -3.71 -10.53 5.13
C ASP A 50 -4.80 -9.93 4.26
N LYS A 51 -6.02 -10.44 4.41
CA LYS A 51 -7.09 -10.02 3.51
C LYS A 51 -7.30 -8.52 3.57
N ILE A 52 -7.18 -7.94 4.77
CA ILE A 52 -7.44 -6.52 4.94
C ILE A 52 -6.29 -5.68 4.37
N ARG A 53 -5.06 -6.19 4.43
CA ARG A 53 -3.86 -5.39 4.21
C ARG A 53 -3.05 -5.77 2.98
N ARG A 54 -3.49 -6.75 2.18
CA ARG A 54 -2.64 -7.20 1.08
C ARG A 54 -2.54 -6.17 -0.05
N LYS A 55 -3.58 -5.36 -0.27
CA LYS A 55 -3.46 -4.25 -1.21
C LYS A 55 -2.30 -3.34 -0.84
N ASN A 56 -1.97 -3.24 0.45
CA ASN A 56 -1.14 -2.14 0.92
C ASN A 56 0.28 -2.23 0.38
N CYS A 57 0.86 -3.43 0.34
CA CYS A 57 2.27 -3.58 -0.01
C CYS A 57 2.44 -4.69 -1.06
N PRO A 58 2.31 -4.35 -2.33
CA PRO A 58 2.64 -5.35 -3.37
C PRO A 58 4.05 -5.90 -3.24
N ALA A 59 5.00 -5.07 -2.85
CA ALA A 59 6.37 -5.55 -2.67
C ALA A 59 6.41 -6.74 -1.72
N CYS A 60 5.77 -6.62 -0.56
CA CYS A 60 5.77 -7.67 0.43
C CYS A 60 4.84 -8.83 0.05
N ARG A 61 3.74 -8.53 -0.63
CA ARG A 61 2.87 -9.60 -1.12
C ARG A 61 3.60 -10.42 -2.19
N TYR A 62 4.32 -9.75 -3.09
CA TYR A 62 5.07 -10.45 -4.12
C TYR A 62 6.15 -11.34 -3.51
N ARG A 63 6.92 -10.80 -2.58
CA ARG A 63 7.92 -11.60 -1.90
C ARG A 63 7.32 -12.88 -1.33
N LYS A 64 6.16 -12.76 -0.68
CA LYS A 64 5.52 -13.92 -0.07
C LYS A 64 5.11 -14.95 -1.12
N CYS A 65 4.63 -14.49 -2.28
CA CYS A 65 4.36 -15.42 -3.37
C CYS A 65 5.62 -16.20 -3.74
N LEU A 66 6.77 -15.52 -3.79
CA LEU A 66 8.02 -16.18 -4.15
C LEU A 66 8.47 -17.12 -3.05
N GLN A 67 8.41 -16.69 -1.78
CA GLN A 67 8.82 -17.57 -0.68
C GLN A 67 7.92 -18.79 -0.60
N ALA A 68 6.65 -18.63 -0.95
CA ALA A 68 5.71 -19.76 -0.93
C ALA A 68 5.99 -20.75 -2.05
N GLY A 69 6.72 -20.34 -3.09
CA GLY A 69 7.10 -21.21 -4.18
C GLY A 69 6.39 -20.98 -5.49
N MET A 70 5.61 -19.90 -5.62
CA MET A 70 4.81 -19.71 -6.83
C MET A 70 5.70 -19.53 -8.04
N ASN A 71 5.26 -20.08 -9.16
CA ASN A 71 5.99 -19.98 -10.42
C ASN A 71 5.02 -20.33 -11.54
N LEU A 72 5.26 -19.73 -12.72
CA LEU A 72 4.28 -19.82 -13.79
C LEU A 72 4.25 -21.20 -14.43
N GLU A 73 5.40 -21.85 -14.58
CA GLU A 73 5.43 -23.12 -15.31
C GLU A 73 4.91 -24.31 -14.50
N ALA A 74 4.50 -24.10 -13.26
CA ALA A 74 3.81 -25.14 -12.50
C ALA A 74 2.56 -24.56 -11.84
N PRO B 2 13.15 25.85 -4.14
CA PRO B 2 13.15 24.39 -4.01
C PRO B 2 12.21 23.89 -2.91
N LYS B 3 10.98 24.39 -2.89
CA LYS B 3 10.06 24.11 -1.80
C LYS B 3 9.46 22.73 -1.93
N LEU B 4 9.32 22.04 -0.80
CA LEU B 4 8.94 20.64 -0.77
C LEU B 4 7.65 20.44 0.00
N CYS B 5 6.83 19.49 -0.47
CA CYS B 5 5.65 19.08 0.28
C CYS B 5 6.06 18.54 1.64
N LEU B 6 5.35 18.98 2.68
CA LEU B 6 5.66 18.58 4.04
C LEU B 6 5.16 17.18 4.37
N VAL B 7 4.32 16.60 3.53
CA VAL B 7 3.87 15.23 3.72
C VAL B 7 4.80 14.24 3.02
N CYS B 8 5.10 14.47 1.73
CA CYS B 8 5.80 13.47 0.92
C CYS B 8 7.11 13.95 0.31
N SER B 9 7.46 15.23 0.44
CA SER B 9 8.72 15.78 -0.05
C SER B 9 8.82 15.80 -1.57
N ASP B 10 7.70 15.60 -2.28
CA ASP B 10 7.63 15.92 -3.68
C ASP B 10 7.67 17.44 -3.85
N GLU B 11 7.70 17.91 -5.10
CA GLU B 11 7.67 19.34 -5.35
C GLU B 11 6.31 19.91 -4.97
N ALA B 12 6.31 20.91 -4.10
CA ALA B 12 5.07 21.53 -3.65
C ALA B 12 4.54 22.50 -4.71
N SER B 13 3.23 22.48 -4.91
CA SER B 13 2.58 23.34 -5.88
C SER B 13 1.97 24.59 -5.26
N GLY B 14 1.87 24.64 -3.94
CA GLY B 14 1.30 25.80 -3.27
C GLY B 14 0.99 25.44 -1.83
N CYS B 15 0.08 26.22 -1.24
CA CYS B 15 -0.39 25.96 0.12
C CYS B 15 -1.83 25.49 0.04
N HIS B 16 -2.07 24.28 0.52
CA HIS B 16 -3.39 23.66 0.43
C HIS B 16 -3.83 23.21 1.82
N TYR B 17 -5.07 23.55 2.17
CA TYR B 17 -5.62 23.23 3.49
C TYR B 17 -4.66 23.62 4.61
N GLY B 18 -3.97 24.75 4.40
CA GLY B 18 -3.16 25.32 5.45
C GLY B 18 -1.78 24.71 5.59
N VAL B 19 -1.27 24.01 4.58
CA VAL B 19 0.04 23.38 4.66
C VAL B 19 0.66 23.39 3.28
N LEU B 20 1.99 23.61 3.24
CA LEU B 20 2.77 23.50 2.01
C LEU B 20 2.77 22.07 1.50
N THR B 21 2.00 21.77 0.47
CA THR B 21 1.84 20.40 -0.01
C THR B 21 1.88 20.38 -1.54
N CYS B 22 2.00 19.16 -2.07
CA CYS B 22 1.87 18.91 -3.50
C CYS B 22 0.39 18.77 -3.86
N GLY B 23 0.14 18.61 -5.16
CA GLY B 23 -1.22 18.47 -5.63
C GLY B 23 -1.83 17.12 -5.27
N SER B 24 -1.04 16.05 -5.33
CA SER B 24 -1.58 14.73 -4.99
C SER B 24 -1.93 14.63 -3.51
N CYS B 25 -1.10 15.23 -2.65
CA CYS B 25 -1.41 15.20 -1.22
C CYS B 25 -2.62 16.08 -0.90
N LYS B 26 -2.72 17.24 -1.57
CA LYS B 26 -3.92 18.06 -1.46
C LYS B 26 -5.18 17.21 -1.65
N VAL B 27 -5.32 16.62 -2.83
CA VAL B 27 -6.56 15.93 -3.16
C VAL B 27 -6.70 14.65 -2.34
N PHE B 28 -5.59 13.97 -2.03
CA PHE B 28 -5.69 12.79 -1.18
C PHE B 28 -6.35 13.13 0.15
N PHE B 29 -5.93 14.23 0.76
CA PHE B 29 -6.44 14.59 2.08
C PHE B 29 -7.91 14.96 2.00
N LYS B 30 -8.31 15.70 0.97
CA LYS B 30 -9.73 15.95 0.72
C LYS B 30 -10.50 14.64 0.70
N ARG B 31 -10.03 13.67 -0.08
CA ARG B 31 -10.71 12.38 -0.19
C ARG B 31 -10.71 11.65 1.14
N ALA B 32 -9.57 11.60 1.83
CA ALA B 32 -9.50 10.91 3.11
C ALA B 32 -10.53 11.44 4.10
N VAL B 33 -10.66 12.76 4.18
CA VAL B 33 -11.54 13.36 5.19
C VAL B 33 -13.00 13.11 4.83
N GLU B 34 -13.43 13.61 3.67
CA GLU B 34 -14.84 13.52 3.29
C GLU B 34 -15.29 12.06 3.24
N GLY B 35 -14.49 11.19 2.62
CA GLY B 35 -14.73 9.77 2.71
C GLY B 35 -14.36 9.25 4.09
N GLN B 36 -15.34 8.66 4.78
CA GLN B 36 -15.15 8.28 6.18
C GLN B 36 -14.38 6.98 6.34
N HIS B 37 -13.81 6.44 5.26
CA HIS B 37 -13.16 5.13 5.32
C HIS B 37 -11.90 5.18 6.17
N ASN B 38 -11.80 4.25 7.13
CA ASN B 38 -10.65 4.17 8.01
C ASN B 38 -9.60 3.23 7.44
N TYR B 39 -8.33 3.63 7.58
CA TYR B 39 -7.21 2.92 7.00
C TYR B 39 -6.48 2.11 8.05
N LEU B 40 -5.72 1.11 7.61
CA LEU B 40 -4.92 0.27 8.49
C LEU B 40 -3.54 0.07 7.91
N CYS B 41 -2.52 0.45 8.68
CA CYS B 41 -1.14 0.25 8.28
C CYS B 41 -0.75 -1.23 8.35
N ALA B 42 -0.02 -1.69 7.34
CA ALA B 42 0.51 -3.05 7.33
C ALA B 42 1.85 -3.18 8.06
N GLY B 43 2.41 -2.06 8.52
CA GLY B 43 3.69 -2.09 9.18
C GLY B 43 3.60 -1.78 10.65
N ARG B 44 4.00 -0.55 11.02
CA ARG B 44 4.14 -0.14 12.41
C ARG B 44 3.67 1.30 12.62
N ASN B 45 2.75 1.77 11.78
CA ASN B 45 2.30 3.16 11.84
C ASN B 45 3.48 4.12 11.68
N ASP B 46 4.50 3.69 10.93
CA ASP B 46 5.75 4.42 10.81
C ASP B 46 6.26 4.39 9.38
N CYS B 47 5.36 4.31 8.40
CA CYS B 47 5.79 4.09 7.03
C CYS B 47 6.46 5.33 6.47
N ILE B 48 7.40 5.10 5.55
CA ILE B 48 8.09 6.17 4.85
C ILE B 48 7.19 6.65 3.72
N ILE B 49 6.84 7.92 3.76
CA ILE B 49 5.95 8.53 2.78
C ILE B 49 6.81 9.41 1.88
N ASP B 50 6.95 9.02 0.63
CA ASP B 50 7.73 9.77 -0.34
C ASP B 50 6.99 9.73 -1.67
N LYS B 51 7.63 10.21 -2.73
CA LYS B 51 6.95 10.36 -4.00
C LYS B 51 6.37 9.05 -4.49
N ILE B 52 7.11 7.95 -4.33
CA ILE B 52 6.64 6.65 -4.81
C ILE B 52 5.88 5.89 -3.73
N ARG B 53 6.39 5.92 -2.49
CA ARG B 53 5.88 5.08 -1.42
C ARG B 53 4.59 5.60 -0.78
N ARG B 54 4.15 6.81 -1.14
CA ARG B 54 2.96 7.37 -0.49
C ARG B 54 1.70 6.62 -0.90
N LYS B 55 1.69 6.03 -2.10
CA LYS B 55 0.59 5.17 -2.51
C LYS B 55 0.36 4.03 -1.53
N ASN B 56 1.41 3.57 -0.86
CA ASN B 56 1.38 2.28 -0.19
C ASN B 56 0.59 2.29 1.10
N CYS B 57 0.60 3.39 1.86
CA CYS B 57 -0.01 3.43 3.19
C CYS B 57 -0.83 4.69 3.35
N PRO B 58 -2.08 4.68 2.91
CA PRO B 58 -2.97 5.82 3.21
C PRO B 58 -3.07 6.13 4.69
N ALA B 59 -2.95 5.12 5.56
CA ALA B 59 -3.01 5.37 6.99
C ALA B 59 -1.88 6.31 7.43
N CYS B 60 -0.64 5.97 7.08
CA CYS B 60 0.49 6.79 7.49
C CYS B 60 0.50 8.13 6.75
N ARG B 61 0.11 8.15 5.48
CA ARG B 61 0.04 9.40 4.74
C ARG B 61 -0.98 10.35 5.39
N TYR B 62 -2.14 9.82 5.75
CA TYR B 62 -3.17 10.63 6.39
C TYR B 62 -2.71 11.14 7.74
N ARG B 63 -2.13 10.26 8.56
CA ARG B 63 -1.54 10.70 9.83
C ARG B 63 -0.56 11.84 9.63
N LYS B 64 0.22 11.81 8.55
CA LYS B 64 1.20 12.87 8.31
C LYS B 64 0.51 14.16 7.89
N CYS B 65 -0.53 14.08 7.04
CA CYS B 65 -1.27 15.28 6.67
C CYS B 65 -1.77 16.01 7.90
N LEU B 66 -2.29 15.26 8.89
CA LEU B 66 -2.85 15.89 10.08
C LEU B 66 -1.75 16.47 10.97
N GLN B 67 -0.70 15.68 11.23
CA GLN B 67 0.40 16.17 12.05
C GLN B 67 1.04 17.41 11.44
N ALA B 68 1.02 17.52 10.11
CA ALA B 68 1.49 18.72 9.45
C ALA B 68 0.56 19.91 9.67
N GLY B 69 -0.66 19.65 10.13
CA GLY B 69 -1.63 20.70 10.37
C GLY B 69 -2.65 20.89 9.27
N MET B 70 -2.68 20.02 8.26
CA MET B 70 -3.69 20.16 7.22
C MET B 70 -5.07 20.18 7.85
N ASN B 71 -5.96 20.98 7.26
CA ASN B 71 -7.22 21.29 7.92
C ASN B 71 -8.20 21.81 6.87
N LEU B 72 -9.41 21.26 6.88
CA LEU B 72 -10.48 21.87 6.11
C LEU B 72 -10.94 23.14 6.80
N GLU B 73 -11.32 24.12 5.99
CA GLU B 73 -11.63 25.49 6.42
C GLU B 73 -10.35 26.29 6.63
N ALA B 74 -9.21 25.79 6.16
CA ALA B 74 -7.94 26.51 6.25
C ALA B 74 -7.05 26.16 5.06
ZN ZN E . -4.23 -14.84 -0.84
ZN ZN F . 6.07 -3.91 2.75
ZN ZN G . 2.89 15.44 -1.14
ZN ZN H . 1.92 2.58 7.36
AS CAC I . -15.76 -6.24 -7.11
O1 CAC I . -16.21 -6.28 -8.79
O2 CAC I . -14.11 -6.78 -6.95
C1 CAC I . -15.92 -4.41 -6.43
C2 CAC I . -16.92 -7.44 -6.08
#